data_4N2Z
#
_entry.id   4N2Z
#
_cell.length_a   102.140
_cell.length_b   66.790
_cell.length_c   60.360
_cell.angle_alpha   90.00
_cell.angle_beta   117.33
_cell.angle_gamma   90.00
#
_symmetry.space_group_name_H-M   'C 1 2 1'
#
loop_
_entity.id
_entity.type
_entity.pdbx_description
1 polymer 'GH62 arabinofuranosidase'
2 branched beta-D-glucopyranose-(1-4)-beta-D-glucopyranose-(1-4)-alpha-D-glucopyranose
3 non-polymer 'CALCIUM ION'
4 non-polymer 2-AMINO-2-HYDROXYMETHYL-PROPANE-1,3-DIOL
5 non-polymer 'PENTAETHYLENE GLYCOL'
6 non-polymer '4-(2-HYDROXYETHYL)-1-PIPERAZINE ETHANESULFONIC ACID'
7 water water
#
_entity_poly.entity_id   1
_entity_poly.type   'polypeptide(L)'
_entity_poly.pdbx_seq_one_letter_code
;SSLPAGRDVSIVQLSNQPPSDLPTTWQWTSTGPLVGPKNDGRGIAGIKDPTIILINGTHHVFASTAQSAGYNLVYFTFAD
WADAPNATFYYLDQAPLGTGYRAAPQVFWFAPHKLWYLVYQNGNAAYSTNPDINNPKGWTAPKVFYPDGMPKIIEQNIGE
GYWVDMWVICDSASCHLFSSDDNGQLYRSETSLEQFPNGMSQPVIAMQDNRNDLFEAACVYSLPDGKYLLLVEAIGTDGH
RWFRSWTADSIRGPWQGLANTEQNPWARSNNVQFDGDVWTKSISHGEIIRDGTVDEKLLIDPCNIRFMYQGMDPSAGGEY
NALPWRLGFIAHNNPACGLEQKLISEEDLNSAVDHHHHHH
;
_entity_poly.pdbx_strand_id   A
#
# COMPACT_ATOMS: atom_id res chain seq x y z
N SER A 20 15.52 -11.33 -11.63
CA SER A 20 16.25 -10.97 -12.91
C SER A 20 17.17 -9.67 -12.69
N ASP A 21 16.55 -8.51 -12.64
CA ASP A 21 17.16 -7.32 -12.02
C ASP A 21 16.72 -7.15 -10.55
N LEU A 22 16.25 -8.23 -9.92
CA LEU A 22 15.94 -8.26 -8.50
C LEU A 22 16.86 -9.19 -7.76
N PRO A 23 17.46 -8.72 -6.62
CA PRO A 23 18.30 -9.63 -5.79
C PRO A 23 17.40 -10.62 -5.04
N THR A 24 17.96 -11.76 -4.68
CA THR A 24 17.19 -12.68 -3.85
C THR A 24 17.35 -12.35 -2.35
N THR A 25 18.34 -11.52 -2.03
CA THR A 25 18.57 -10.99 -0.68
C THR A 25 18.43 -9.46 -0.72
N TRP A 26 17.84 -8.85 0.32
CA TRP A 26 17.55 -7.43 0.32
C TRP A 26 18.19 -6.71 1.52
N GLN A 27 18.65 -5.49 1.28
CA GLN A 27 19.21 -4.64 2.33
CA GLN A 27 19.16 -4.64 2.34
C GLN A 27 18.69 -3.24 2.14
N TRP A 28 18.41 -2.55 3.24
CA TRP A 28 17.88 -1.21 3.20
C TRP A 28 18.52 -0.22 4.20
N THR A 29 18.44 1.07 3.89
CA THR A 29 18.66 2.17 4.74
C THR A 29 17.32 2.88 5.00
N SER A 30 17.03 3.14 6.27
CA SER A 30 15.80 3.90 6.62
C SER A 30 16.07 5.38 7.04
N THR A 31 15.16 6.27 6.63
CA THR A 31 15.06 7.57 7.30
C THR A 31 14.52 7.42 8.76
N GLY A 32 14.48 8.56 9.44
CA GLY A 32 13.72 8.75 10.67
C GLY A 32 12.23 8.85 10.30
N PRO A 33 11.38 9.07 11.31
CA PRO A 33 9.97 9.16 11.13
C PRO A 33 9.71 10.56 10.60
N LEU A 34 9.25 10.68 9.38
CA LEU A 34 9.11 11.99 8.75
C LEU A 34 7.69 12.51 8.84
N VAL A 35 6.69 11.64 8.76
CA VAL A 35 5.31 12.16 8.68
C VAL A 35 4.50 11.58 9.82
N GLY A 36 3.91 12.47 10.60
CA GLY A 36 2.93 12.16 11.56
C GLY A 36 1.77 13.11 11.64
N PRO A 37 0.88 12.85 12.61
CA PRO A 37 -0.33 13.67 12.72
C PRO A 37 0.01 15.06 13.04
N LYS A 38 -0.87 15.93 12.67
CA LYS A 38 -0.75 17.36 12.93
C LYS A 38 -1.51 17.67 14.18
N ASN A 39 -1.08 18.70 14.89
CA ASN A 39 -1.85 19.12 16.05
C ASN A 39 -2.93 20.10 15.60
N ASP A 40 -3.96 19.55 14.96
CA ASP A 40 -4.93 20.38 14.29
C ASP A 40 -6.32 20.17 14.78
N GLY A 41 -6.45 19.48 15.90
CA GLY A 41 -7.76 19.26 16.47
C GLY A 41 -8.51 18.05 16.02
N ARG A 42 -8.02 17.30 15.03
CA ARG A 42 -8.74 16.13 14.55
C ARG A 42 -8.56 14.93 15.39
N GLY A 43 -7.55 14.96 16.23
CA GLY A 43 -7.27 13.85 17.15
C GLY A 43 -6.66 12.58 16.51
N ILE A 44 -6.10 12.72 15.32
CA ILE A 44 -5.59 11.54 14.60
C ILE A 44 -4.40 10.98 15.36
N ALA A 45 -4.35 9.69 15.46
CA ALA A 45 -3.28 8.95 16.20
C ALA A 45 -2.16 8.51 15.31
N GLY A 46 -2.51 8.08 14.12
CA GLY A 46 -1.54 7.45 13.16
C GLY A 46 -1.76 7.95 11.75
N ILE A 47 -0.67 8.18 11.03
CA ILE A 47 -0.74 8.40 9.61
C ILE A 47 -0.12 7.16 8.99
N LYS A 48 -0.81 6.57 8.03
CA LYS A 48 -0.63 5.13 7.71
C LYS A 48 -0.76 4.78 6.25
N ASP A 49 -0.28 3.60 5.88
CA ASP A 49 -0.71 2.92 4.65
C ASP A 49 -0.52 3.79 3.37
N PRO A 50 0.67 4.42 3.22
CA PRO A 50 0.80 5.36 2.09
C PRO A 50 0.78 4.73 0.68
N THR A 51 0.19 5.47 -0.25
CA THR A 51 0.43 5.30 -1.65
C THR A 51 1.25 6.50 -2.11
N ILE A 52 2.29 6.28 -2.97
CA ILE A 52 3.18 7.36 -3.36
C ILE A 52 3.64 7.24 -4.81
N ILE A 53 3.58 8.37 -5.53
CA ILE A 53 4.05 8.52 -6.87
C ILE A 53 4.87 9.79 -6.94
N LEU A 54 5.77 9.84 -7.93
CA LEU A 54 6.72 10.92 -8.09
C LEU A 54 6.53 11.38 -9.54
N ILE A 55 6.23 12.66 -9.70
CA ILE A 55 6.07 13.25 -11.06
C ILE A 55 7.05 14.45 -11.18
N ASN A 56 8.15 14.27 -11.94
CA ASN A 56 9.13 15.31 -12.19
CA ASN A 56 9.11 15.34 -12.18
C ASN A 56 9.55 16.06 -10.93
N GLY A 57 10.00 15.33 -9.93
CA GLY A 57 10.43 15.97 -8.70
C GLY A 57 9.42 16.15 -7.59
N THR A 58 8.13 16.04 -7.91
CA THR A 58 7.10 16.24 -6.94
C THR A 58 6.44 14.88 -6.55
N HIS A 59 6.50 14.58 -5.27
CA HIS A 59 5.91 13.41 -4.70
C HIS A 59 4.46 13.77 -4.36
N HIS A 60 3.56 12.82 -4.64
CA HIS A 60 2.17 12.86 -4.26
C HIS A 60 1.88 11.65 -3.36
N VAL A 61 1.33 11.90 -2.17
CA VAL A 61 1.05 10.86 -1.21
C VAL A 61 -0.36 10.89 -0.80
N PHE A 62 -1.01 9.71 -0.72
CA PHE A 62 -2.27 9.59 -0.01
C PHE A 62 -2.06 8.59 1.14
N ALA A 63 -2.70 8.81 2.28
CA ALA A 63 -2.49 7.97 3.45
C ALA A 63 -3.80 7.82 4.21
N SER A 64 -3.90 6.75 4.99
CA SER A 64 -4.92 6.61 6.02
C SER A 64 -4.70 7.54 7.17
N THR A 65 -5.79 8.13 7.70
CA THR A 65 -5.76 8.71 9.04
C THR A 65 -6.40 7.69 9.96
N ALA A 66 -5.81 7.44 11.11
CA ALA A 66 -6.27 6.42 12.01
C ALA A 66 -6.40 6.97 13.40
N GLN A 67 -7.51 6.64 14.04
CA GLN A 67 -7.70 6.92 15.44
C GLN A 67 -8.82 6.01 15.92
N SER A 68 -9.12 6.03 17.23
CA SER A 68 -10.07 5.02 17.69
CA SER A 68 -10.12 5.12 17.81
C SER A 68 -11.48 5.27 17.17
N ALA A 69 -11.81 6.50 16.80
CA ALA A 69 -13.12 6.79 16.21
C ALA A 69 -13.27 6.43 14.75
N GLY A 70 -12.19 6.12 14.07
CA GLY A 70 -12.33 5.70 12.70
C GLY A 70 -11.16 6.11 11.80
N TYR A 71 -11.35 5.78 10.54
CA TYR A 71 -10.35 6.01 9.52
C TYR A 71 -10.90 6.80 8.37
N ASN A 72 -10.04 7.65 7.83
CA ASN A 72 -10.35 8.37 6.60
C ASN A 72 -9.03 8.61 5.87
N LEU A 73 -8.99 9.55 4.91
CA LEU A 73 -7.87 9.71 4.01
C LEU A 73 -7.34 11.11 3.96
N VAL A 74 -6.03 11.21 3.73
CA VAL A 74 -5.34 12.50 3.62
C VAL A 74 -4.44 12.51 2.44
N TYR A 75 -4.26 13.70 1.82
CA TYR A 75 -3.32 13.91 0.73
C TYR A 75 -2.28 14.89 1.18
N PHE A 76 -1.03 14.65 0.81
CA PHE A 76 0.04 15.66 0.95
C PHE A 76 1.17 15.45 -0.10
N THR A 77 1.95 16.49 -0.34
CA THR A 77 2.84 16.54 -1.42
C THR A 77 4.12 17.29 -0.99
N PHE A 78 5.20 16.93 -1.64
CA PHE A 78 6.51 17.49 -1.33
C PHE A 78 7.54 17.05 -2.34
N ALA A 79 8.56 17.89 -2.54
CA ALA A 79 9.60 17.58 -3.42
C ALA A 79 10.65 16.78 -2.58
N ASP A 80 11.57 17.46 -1.94
CA ASP A 80 12.59 16.77 -1.16
C ASP A 80 11.95 16.03 -0.03
N TRP A 81 12.48 14.87 0.34
CA TRP A 81 11.93 14.19 1.50
C TRP A 81 12.02 14.99 2.76
N ALA A 82 13.05 15.81 2.86
CA ALA A 82 13.18 16.71 4.02
C ALA A 82 11.99 17.68 4.21
N ASP A 83 11.24 17.95 3.16
CA ASP A 83 10.05 18.80 3.24
C ASP A 83 8.78 17.99 3.65
N ALA A 84 8.86 16.67 3.69
CA ALA A 84 7.66 15.86 4.09
C ALA A 84 7.09 16.24 5.45
N PRO A 85 7.96 16.46 6.46
CA PRO A 85 7.38 16.71 7.76
C PRO A 85 6.50 18.00 7.83
N ASN A 86 6.85 19.01 7.07
CA ASN A 86 6.05 20.23 7.10
C ASN A 86 4.97 20.29 5.96
N ALA A 87 4.80 19.23 5.14
CA ALA A 87 3.79 19.25 4.09
C ALA A 87 2.40 19.40 4.68
N THR A 88 1.62 20.29 4.09
CA THR A 88 0.27 20.52 4.50
C THR A 88 -0.60 19.24 4.27
N PHE A 89 -1.48 18.95 5.21
CA PHE A 89 -2.43 17.86 5.04
C PHE A 89 -3.71 18.37 4.45
N TYR A 90 -4.13 17.74 3.36
CA TYR A 90 -5.42 18.02 2.73
C TYR A 90 -6.31 16.80 2.93
N TYR A 91 -7.29 16.97 3.80
CA TYR A 91 -8.07 15.84 4.22
C TYR A 91 -9.15 15.58 3.18
N LEU A 92 -9.28 14.34 2.75
CA LEU A 92 -10.17 14.08 1.62
C LEU A 92 -11.62 14.03 2.04
N ASP A 93 -11.94 14.10 3.33
CA ASP A 93 -13.34 14.26 3.74
C ASP A 93 -13.93 15.58 3.33
N GLN A 94 -13.07 16.51 2.89
CA GLN A 94 -13.57 17.78 2.28
C GLN A 94 -13.97 17.65 0.83
N ALA A 95 -13.61 16.57 0.13
CA ALA A 95 -14.07 16.21 -1.20
C ALA A 95 -15.39 15.54 -1.11
N PRO A 96 -16.02 15.34 -2.28
CA PRO A 96 -17.22 14.49 -2.24
C PRO A 96 -16.97 13.07 -1.66
N LEU A 97 -15.74 12.60 -1.76
CA LEU A 97 -15.27 11.34 -1.11
C LEU A 97 -15.82 11.33 0.33
N GLY A 98 -15.68 12.44 1.04
CA GLY A 98 -16.43 12.64 2.25
C GLY A 98 -16.02 11.95 3.54
N THR A 99 -16.83 12.26 4.56
CA THR A 99 -16.79 11.54 5.81
C THR A 99 -17.31 10.12 5.68
N GLY A 100 -16.93 9.33 6.66
CA GLY A 100 -17.18 7.90 6.73
C GLY A 100 -15.91 7.10 6.75
N TYR A 101 -16.09 5.77 6.71
CA TYR A 101 -14.93 4.83 6.75
C TYR A 101 -14.25 4.78 5.40
N ARG A 102 -13.01 5.24 5.32
CA ARG A 102 -12.15 5.07 4.15
C ARG A 102 -10.78 4.82 4.67
N ALA A 103 -10.06 3.84 4.06
CA ALA A 103 -8.70 3.49 4.47
C ALA A 103 -7.92 2.85 3.36
N ALA A 104 -6.59 3.02 3.47
CA ALA A 104 -5.60 2.26 2.70
C ALA A 104 -5.74 2.51 1.20
N PRO A 105 -5.32 3.75 0.83
CA PRO A 105 -5.50 4.16 -0.57
C PRO A 105 -4.41 3.62 -1.53
N GLN A 106 -4.71 3.67 -2.82
CA GLN A 106 -3.76 3.37 -3.91
C GLN A 106 -4.08 4.35 -5.01
N VAL A 107 -3.09 5.07 -5.54
CA VAL A 107 -3.33 6.03 -6.61
C VAL A 107 -2.58 5.60 -7.87
N PHE A 108 -3.23 5.82 -8.99
CA PHE A 108 -2.65 5.63 -10.31
C PHE A 108 -3.49 6.37 -11.36
N TRP A 109 -2.82 6.70 -12.43
CA TRP A 109 -3.48 7.24 -13.65
C TRP A 109 -4.08 6.11 -14.45
N PHE A 110 -5.37 6.19 -14.79
CA PHE A 110 -5.95 5.17 -15.64
C PHE A 110 -6.06 5.75 -17.05
N ALA A 111 -5.12 5.34 -17.86
CA ALA A 111 -4.90 5.99 -19.16
C ALA A 111 -6.12 5.91 -20.12
N PRO A 112 -6.89 4.79 -20.12
CA PRO A 112 -8.09 4.73 -20.99
C PRO A 112 -9.15 5.78 -20.67
N HIS A 113 -9.21 6.28 -19.42
CA HIS A 113 -10.21 7.23 -19.02
C HIS A 113 -9.64 8.64 -18.86
N LYS A 114 -8.32 8.80 -18.97
CA LYS A 114 -7.64 10.03 -18.60
C LYS A 114 -8.17 10.62 -17.24
N LEU A 115 -8.18 9.76 -16.24
CA LEU A 115 -8.59 10.13 -14.88
C LEU A 115 -7.65 9.42 -13.94
N TRP A 116 -7.35 10.07 -12.84
CA TRP A 116 -6.65 9.42 -11.75
C TRP A 116 -7.72 8.65 -10.97
N TYR A 117 -7.35 7.46 -10.57
CA TYR A 117 -8.16 6.61 -9.66
C TYR A 117 -7.46 6.56 -8.30
N LEU A 118 -8.28 6.54 -7.26
CA LEU A 118 -7.86 6.26 -5.91
C LEU A 118 -8.71 5.10 -5.42
N VAL A 119 -8.07 3.97 -5.17
CA VAL A 119 -8.69 2.77 -4.73
C VAL A 119 -8.51 2.68 -3.24
N TYR A 120 -9.50 2.20 -2.52
CA TYR A 120 -9.44 2.16 -1.05
C TYR A 120 -10.61 1.32 -0.54
N GLN A 121 -10.68 1.15 0.76
CA GLN A 121 -11.71 0.33 1.34
C GLN A 121 -12.69 1.19 2.12
N ASN A 122 -13.92 0.75 2.15
CA ASN A 122 -14.97 1.38 2.92
C ASN A 122 -15.93 0.33 3.52
N GLY A 123 -15.48 -0.90 3.67
CA GLY A 123 -16.36 -1.99 4.07
C GLY A 123 -16.59 -2.84 2.83
N ASN A 124 -16.47 -2.23 1.65
CA ASN A 124 -16.37 -2.87 0.39
C ASN A 124 -15.03 -2.42 -0.22
N ALA A 125 -14.83 -2.76 -1.49
CA ALA A 125 -13.68 -2.29 -2.25
C ALA A 125 -14.22 -1.09 -3.08
N ALA A 126 -13.58 0.05 -2.94
CA ALA A 126 -14.14 1.29 -3.47
C ALA A 126 -13.13 2.03 -4.32
N TYR A 127 -13.60 2.96 -5.13
CA TYR A 127 -12.73 3.86 -5.88
C TYR A 127 -13.37 5.23 -6.04
N SER A 128 -12.51 6.24 -6.11
CA SER A 128 -12.87 7.57 -6.52
C SER A 128 -12.00 7.98 -7.70
N THR A 129 -12.47 8.97 -8.47
CA THR A 129 -11.71 9.48 -9.60
C THR A 129 -11.56 10.98 -9.49
N ASN A 130 -10.60 11.48 -10.24
CA ASN A 130 -10.29 12.96 -10.25
C ASN A 130 -9.44 13.20 -11.49
N PRO A 131 -9.78 14.21 -12.29
CA PRO A 131 -8.93 14.53 -13.42
C PRO A 131 -7.65 15.17 -13.05
N ASP A 132 -7.53 15.70 -11.83
CA ASP A 132 -6.33 16.47 -11.46
C ASP A 132 -5.87 16.05 -10.08
N ILE A 133 -4.76 15.29 -10.04
CA ILE A 133 -4.21 14.83 -8.72
C ILE A 133 -3.89 15.95 -7.75
N ASN A 134 -3.65 17.17 -8.24
CA ASN A 134 -3.33 18.29 -7.39
C ASN A 134 -4.51 18.87 -6.64
N ASN A 135 -5.71 18.38 -6.95
CA ASN A 135 -6.94 18.95 -6.34
C ASN A 135 -7.52 17.91 -5.36
N PRO A 136 -7.18 18.04 -4.09
CA PRO A 136 -7.72 17.08 -3.12
C PRO A 136 -9.20 17.21 -2.93
N LYS A 137 -9.82 18.36 -3.26
CA LYS A 137 -11.27 18.50 -3.19
C LYS A 137 -12.06 17.81 -4.31
N GLY A 138 -11.39 17.30 -5.31
CA GLY A 138 -12.01 16.79 -6.53
C GLY A 138 -12.36 15.32 -6.54
N TRP A 139 -11.97 14.60 -5.50
CA TRP A 139 -12.21 13.12 -5.47
C TRP A 139 -13.69 12.81 -5.28
N THR A 140 -14.21 12.03 -6.21
CA THR A 140 -15.64 11.68 -6.24
C THR A 140 -16.09 10.88 -5.00
N ALA A 141 -17.39 10.98 -4.72
CA ALA A 141 -17.98 10.02 -3.78
C ALA A 141 -17.65 8.62 -4.25
N PRO A 142 -17.38 7.70 -3.31
CA PRO A 142 -17.01 6.32 -3.72
C PRO A 142 -18.06 5.60 -4.56
N LYS A 143 -17.58 4.82 -5.50
CA LYS A 143 -18.32 3.71 -6.08
CA LYS A 143 -18.32 3.71 -6.09
C LYS A 143 -17.60 2.44 -5.70
N VAL A 144 -18.34 1.30 -5.79
CA VAL A 144 -17.78 0.04 -5.28
C VAL A 144 -17.52 -0.98 -6.43
N PHE A 145 -16.44 -1.76 -6.30
CA PHE A 145 -16.12 -2.78 -7.27
C PHE A 145 -17.04 -3.97 -7.17
N TYR A 146 -17.65 -4.19 -6.00
CA TYR A 146 -18.53 -5.37 -5.77
C TYR A 146 -19.92 -4.84 -5.35
N PRO A 147 -20.74 -4.44 -6.36
CA PRO A 147 -22.01 -3.75 -6.01
C PRO A 147 -23.00 -4.65 -5.31
N ASP A 148 -22.77 -5.94 -5.37
CA ASP A 148 -23.66 -6.90 -4.67
C ASP A 148 -23.15 -7.28 -3.29
N GLY A 149 -22.08 -6.66 -2.84
CA GLY A 149 -21.61 -6.80 -1.42
C GLY A 149 -20.44 -7.70 -1.38
N MET A 150 -20.06 -8.06 -0.16
CA MET A 150 -18.89 -8.93 0.02
C MET A 150 -19.08 -10.26 -0.70
N PRO A 151 -18.11 -10.64 -1.53
CA PRO A 151 -18.20 -11.93 -2.22
C PRO A 151 -18.30 -13.11 -1.27
N LYS A 152 -19.07 -14.12 -1.68
CA LYS A 152 -19.29 -15.29 -0.84
C LYS A 152 -18.02 -15.92 -0.46
N ILE A 153 -17.08 -16.02 -1.39
CA ILE A 153 -15.81 -16.67 -1.08
C ILE A 153 -15.05 -15.98 0.07
N ILE A 154 -15.18 -14.66 0.14
CA ILE A 154 -14.53 -13.93 1.20
C ILE A 154 -15.33 -14.19 2.49
N GLU A 155 -16.64 -14.16 2.41
CA GLU A 155 -17.47 -14.37 3.56
C GLU A 155 -17.19 -15.76 4.21
N GLN A 156 -16.96 -16.73 3.35
CA GLN A 156 -16.66 -18.12 3.72
C GLN A 156 -15.34 -18.29 4.44
N ASN A 157 -14.38 -17.44 4.15
CA ASN A 157 -13.01 -17.65 4.59
C ASN A 157 -12.47 -16.59 5.54
N ILE A 158 -13.19 -15.49 5.71
CA ILE A 158 -12.68 -14.38 6.51
C ILE A 158 -12.53 -14.67 8.03
N GLY A 159 -13.34 -15.58 8.55
CA GLY A 159 -13.25 -15.85 10.03
C GLY A 159 -13.55 -14.59 10.80
N GLU A 160 -12.69 -14.25 11.76
CA GLU A 160 -12.82 -13.06 12.59
C GLU A 160 -12.04 -11.90 11.99
N GLY A 161 -11.64 -12.01 10.75
CA GLY A 161 -10.90 -10.93 10.05
C GLY A 161 -11.77 -9.79 9.52
N TYR A 162 -11.17 -9.01 8.61
CA TYR A 162 -11.68 -7.74 8.10
C TYR A 162 -11.25 -7.73 6.62
N TRP A 163 -12.06 -7.18 5.77
CA TRP A 163 -11.81 -7.11 4.37
C TRP A 163 -11.13 -5.81 4.08
N VAL A 164 -9.89 -5.94 3.67
CA VAL A 164 -8.97 -4.84 3.64
C VAL A 164 -7.94 -4.78 2.49
N ASP A 165 -7.44 -3.58 2.24
CA ASP A 165 -6.23 -3.38 1.53
C ASP A 165 -6.37 -3.77 0.04
N MET A 166 -7.12 -2.95 -0.69
CA MET A 166 -7.51 -3.17 -2.06
C MET A 166 -6.39 -2.67 -3.03
N TRP A 167 -6.08 -3.40 -4.09
CA TRP A 167 -5.00 -3.04 -4.93
C TRP A 167 -5.39 -3.44 -6.36
N VAL A 168 -5.28 -2.52 -7.29
CA VAL A 168 -5.50 -2.80 -8.70
C VAL A 168 -4.18 -2.81 -9.46
N ILE A 169 -4.06 -3.74 -10.40
CA ILE A 169 -2.99 -3.66 -11.39
C ILE A 169 -3.59 -4.19 -12.72
N CYS A 170 -3.28 -3.50 -13.81
CA CYS A 170 -3.70 -3.95 -15.13
C CYS A 170 -2.52 -4.31 -16.01
N ASP A 171 -2.74 -5.19 -16.97
CA ASP A 171 -1.83 -5.29 -18.08
C ASP A 171 -2.55 -4.67 -19.26
N SER A 172 -2.21 -5.05 -20.48
CA SER A 172 -2.77 -4.34 -21.63
C SER A 172 -4.09 -4.98 -22.04
N ALA A 173 -4.47 -6.07 -21.40
CA ALA A 173 -5.79 -6.75 -21.61
C ALA A 173 -6.79 -6.71 -20.44
N SER A 174 -6.26 -6.83 -19.21
CA SER A 174 -7.12 -7.11 -18.03
C SER A 174 -6.65 -6.30 -16.81
N CYS A 175 -7.58 -6.01 -15.92
CA CYS A 175 -7.32 -5.28 -14.68
C CYS A 175 -7.74 -6.23 -13.54
N HIS A 176 -6.84 -6.36 -12.56
CA HIS A 176 -6.98 -7.28 -11.42
C HIS A 176 -7.06 -6.47 -10.13
N LEU A 177 -7.91 -6.94 -9.27
CA LEU A 177 -8.19 -6.30 -7.95
C LEU A 177 -7.92 -7.31 -6.89
N PHE A 178 -6.88 -7.04 -6.10
CA PHE A 178 -6.42 -7.86 -4.99
C PHE A 178 -6.95 -7.30 -3.67
N SER A 179 -7.19 -8.15 -2.70
CA SER A 179 -7.62 -7.78 -1.36
C SER A 179 -7.29 -8.90 -0.39
N SER A 180 -7.29 -8.57 0.90
CA SER A 180 -6.99 -9.50 1.97
C SER A 180 -8.14 -9.56 2.95
N ASP A 181 -8.14 -10.60 3.79
CA ASP A 181 -9.14 -10.75 4.87
C ASP A 181 -8.60 -10.76 6.31
N ASP A 182 -7.30 -10.43 6.51
CA ASP A 182 -6.65 -10.49 7.78
C ASP A 182 -6.88 -11.94 8.32
N ASN A 183 -6.99 -12.91 7.42
CA ASN A 183 -7.15 -14.32 7.84
C ASN A 183 -6.32 -15.28 7.06
N GLY A 184 -5.39 -14.76 6.26
CA GLY A 184 -4.46 -15.57 5.49
C GLY A 184 -4.79 -15.81 4.03
N GLN A 185 -5.88 -15.20 3.55
CA GLN A 185 -6.16 -15.25 2.15
C GLN A 185 -5.74 -13.94 1.47
N LEU A 186 -5.31 -14.09 0.25
CA LEU A 186 -5.17 -13.04 -0.72
C LEU A 186 -6.07 -13.34 -1.88
N TYR A 187 -7.03 -12.45 -2.13
CA TYR A 187 -8.03 -12.59 -3.17
C TYR A 187 -7.70 -11.82 -4.42
N ARG A 188 -8.16 -12.35 -5.57
CA ARG A 188 -7.96 -11.67 -6.84
C ARG A 188 -9.21 -11.77 -7.72
N SER A 189 -9.71 -10.61 -8.16
CA SER A 189 -10.76 -10.53 -9.22
C SER A 189 -10.22 -9.88 -10.42
N GLU A 190 -10.93 -10.02 -11.57
CA GLU A 190 -10.49 -9.33 -12.76
C GLU A 190 -11.63 -8.90 -13.61
N THR A 191 -11.34 -7.98 -14.52
CA THR A 191 -12.25 -7.59 -15.57
C THR A 191 -11.39 -7.13 -16.75
N SER A 192 -11.98 -6.95 -17.92
CA SER A 192 -11.18 -6.45 -19.03
C SER A 192 -10.75 -5.01 -18.77
N LEU A 193 -9.67 -4.65 -19.42
CA LEU A 193 -9.21 -3.27 -19.48
C LEU A 193 -10.30 -2.35 -19.95
N GLU A 194 -11.11 -2.78 -20.92
CA GLU A 194 -12.10 -1.90 -21.51
C GLU A 194 -13.30 -1.71 -20.61
N GLN A 195 -13.55 -2.65 -19.70
CA GLN A 195 -14.71 -2.60 -18.77
C GLN A 195 -14.36 -1.95 -17.42
N PHE A 196 -13.08 -1.97 -17.04
CA PHE A 196 -12.65 -1.40 -15.77
C PHE A 196 -13.28 -0.02 -15.58
N PRO A 197 -13.82 0.31 -14.38
CA PRO A 197 -13.80 -0.39 -13.13
C PRO A 197 -14.93 -1.41 -12.98
N ASN A 198 -15.78 -1.56 -14.01
CA ASN A 198 -16.92 -2.40 -13.89
C ASN A 198 -16.67 -3.88 -14.21
N GLY A 199 -17.55 -4.74 -13.77
CA GLY A 199 -17.52 -6.13 -14.16
C GLY A 199 -16.52 -7.03 -13.46
N MET A 200 -16.02 -6.58 -12.31
CA MET A 200 -15.04 -7.44 -11.63
C MET A 200 -15.67 -8.80 -11.31
N SER A 201 -14.89 -9.84 -11.61
CA SER A 201 -15.30 -11.20 -11.34
C SER A 201 -15.44 -11.46 -9.85
N GLN A 202 -16.13 -12.54 -9.50
CA GLN A 202 -16.06 -12.99 -8.11
C GLN A 202 -14.60 -13.47 -7.92
N PRO A 203 -13.99 -13.13 -6.79
CA PRO A 203 -12.56 -13.40 -6.62
C PRO A 203 -12.24 -14.88 -6.51
N VAL A 204 -11.04 -15.24 -6.94
CA VAL A 204 -10.40 -16.47 -6.52
C VAL A 204 -9.42 -16.22 -5.40
N ILE A 205 -9.12 -17.28 -4.66
CA ILE A 205 -8.01 -17.17 -3.69
C ILE A 205 -6.70 -17.29 -4.48
N ALA A 206 -5.97 -16.19 -4.53
CA ALA A 206 -4.75 -16.12 -5.30
C ALA A 206 -3.60 -16.77 -4.59
N MET A 207 -3.62 -16.61 -3.27
CA MET A 207 -2.62 -17.21 -2.39
CA MET A 207 -2.58 -17.07 -2.37
C MET A 207 -3.23 -17.34 -1.00
N GLN A 208 -2.79 -18.39 -0.27
CA GLN A 208 -3.32 -18.70 1.03
C GLN A 208 -2.21 -19.15 1.97
N ASP A 209 -2.24 -18.74 3.22
CA ASP A 209 -1.21 -19.15 4.22
C ASP A 209 -1.88 -18.98 5.55
N ASN A 210 -1.17 -19.29 6.61
CA ASN A 210 -1.68 -18.95 7.91
C ASN A 210 -1.73 -17.42 8.01
N ARG A 211 -2.61 -16.96 8.87
CA ARG A 211 -3.00 -15.56 8.97
C ARG A 211 -1.76 -14.67 9.00
N ASN A 212 -0.89 -14.95 9.95
CA ASN A 212 0.26 -14.09 10.21
C ASN A 212 1.31 -14.08 9.10
N ASP A 213 1.31 -15.11 8.27
CA ASP A 213 2.25 -15.17 7.18
C ASP A 213 1.75 -14.56 5.90
N LEU A 214 0.51 -14.11 5.85
CA LEU A 214 0.02 -13.53 4.60
C LEU A 214 -1.11 -12.61 4.97
N PHE A 215 -0.79 -11.60 5.75
CA PHE A 215 -1.81 -10.98 6.54
C PHE A 215 -2.58 -9.88 5.80
N GLU A 216 -1.89 -8.87 5.29
CA GLU A 216 -2.55 -7.69 4.65
C GLU A 216 -1.58 -6.86 3.82
N ALA A 217 -1.98 -5.69 3.33
CA ALA A 217 -1.06 -4.70 2.75
C ALA A 217 -0.30 -5.20 1.52
N ALA A 218 -0.99 -5.90 0.65
CA ALA A 218 -0.37 -6.33 -0.58
C ALA A 218 -0.02 -5.17 -1.48
N CYS A 219 1.05 -5.40 -2.21
CA CYS A 219 1.37 -4.65 -3.37
C CYS A 219 1.71 -5.63 -4.52
N VAL A 220 1.24 -5.26 -5.70
CA VAL A 220 1.51 -6.07 -6.92
C VAL A 220 2.02 -5.10 -7.99
N TYR A 221 3.26 -5.31 -8.42
CA TYR A 221 3.92 -4.43 -9.36
C TYR A 221 4.36 -5.15 -10.62
N SER A 222 4.43 -4.40 -11.70
CA SER A 222 5.11 -4.89 -12.91
C SER A 222 6.56 -4.46 -12.95
N LEU A 223 7.39 -5.28 -13.61
CA LEU A 223 8.83 -5.08 -13.74
C LEU A 223 9.16 -4.85 -15.21
N PRO A 224 10.21 -4.11 -15.47
CA PRO A 224 10.60 -3.86 -16.89
C PRO A 224 10.81 -5.11 -17.73
N ASP A 225 11.19 -6.25 -17.15
CA ASP A 225 11.41 -7.48 -17.91
C ASP A 225 10.12 -8.25 -18.17
N GLY A 226 8.97 -7.74 -17.75
CA GLY A 226 7.67 -8.34 -18.03
C GLY A 226 7.12 -9.29 -16.96
N LYS A 227 7.87 -9.42 -15.87
CA LYS A 227 7.47 -10.21 -14.74
C LYS A 227 6.79 -9.31 -13.68
N TYR A 228 6.31 -9.91 -12.62
CA TYR A 228 5.52 -9.20 -11.60
C TYR A 228 6.07 -9.47 -10.21
N LEU A 229 5.93 -8.51 -9.31
CA LEU A 229 6.44 -8.63 -7.93
C LEU A 229 5.27 -8.52 -6.96
N LEU A 230 5.15 -9.48 -6.05
CA LEU A 230 4.09 -9.46 -5.04
C LEU A 230 4.78 -9.21 -3.69
N LEU A 231 4.30 -8.23 -2.94
CA LEU A 231 4.76 -8.00 -1.56
C LEU A 231 3.51 -8.18 -0.66
N VAL A 232 3.63 -8.86 0.46
CA VAL A 232 2.57 -8.91 1.44
C VAL A 232 3.12 -8.72 2.83
N GLU A 233 2.37 -8.00 3.69
CA GLU A 233 2.77 -7.82 5.06
C GLU A 233 2.44 -9.02 5.93
N ALA A 234 3.33 -9.31 6.88
CA ALA A 234 3.20 -10.43 7.80
C ALA A 234 3.53 -10.00 9.20
N ILE A 235 3.14 -10.85 10.17
CA ILE A 235 3.40 -10.61 11.60
C ILE A 235 4.36 -11.68 12.04
N GLY A 236 5.56 -11.27 12.41
CA GLY A 236 6.64 -12.19 12.70
C GLY A 236 6.45 -12.87 14.04
N THR A 237 7.33 -13.87 14.32
CA THR A 237 7.29 -14.58 15.61
C THR A 237 7.58 -13.64 16.80
N ASP A 238 8.31 -12.56 16.57
CA ASP A 238 8.49 -11.47 17.56
C ASP A 238 7.36 -10.48 17.67
N GLY A 239 6.36 -10.64 16.84
CA GLY A 239 5.15 -9.84 16.95
C GLY A 239 5.26 -8.60 16.07
N HIS A 240 6.37 -8.42 15.37
CA HIS A 240 6.59 -7.19 14.55
C HIS A 240 6.29 -7.41 13.09
N ARG A 241 5.86 -6.34 12.47
CA ARG A 241 5.47 -6.39 11.03
C ARG A 241 6.70 -6.47 10.13
N TRP A 242 6.55 -7.20 9.05
CA TRP A 242 7.57 -7.33 8.04
C TRP A 242 6.92 -7.66 6.72
N PHE A 243 7.71 -7.63 5.66
CA PHE A 243 7.24 -7.89 4.31
C PHE A 243 7.88 -9.11 3.67
N ARG A 244 7.04 -9.91 3.06
CA ARG A 244 7.43 -11.05 2.23
C ARG A 244 7.24 -10.74 0.78
N SER A 245 7.98 -11.48 -0.07
CA SER A 245 7.97 -11.23 -1.52
C SER A 245 8.01 -12.48 -2.37
N TRP A 246 7.41 -12.34 -3.55
CA TRP A 246 7.28 -13.37 -4.58
C TRP A 246 7.34 -12.72 -5.95
N THR A 247 7.73 -13.49 -6.96
CA THR A 247 7.64 -13.07 -8.37
C THR A 247 6.83 -14.09 -9.21
N ALA A 248 6.41 -13.65 -10.39
CA ALA A 248 5.57 -14.46 -11.25
C ALA A 248 5.69 -13.92 -12.66
N ASP A 249 5.32 -14.76 -13.62
CA ASP A 249 5.27 -14.38 -15.00
C ASP A 249 3.94 -13.81 -15.35
N SER A 250 2.95 -13.95 -14.46
CA SER A 250 1.56 -13.51 -14.71
C SER A 250 1.00 -12.92 -13.41
N ILE A 251 0.18 -11.89 -13.54
CA ILE A 251 -0.57 -11.37 -12.37
C ILE A 251 -1.38 -12.45 -11.67
N ARG A 252 -1.78 -13.45 -12.43
CA ARG A 252 -2.55 -14.59 -11.91
C ARG A 252 -1.74 -15.67 -11.20
N GLY A 253 -0.42 -15.51 -11.12
CA GLY A 253 0.43 -16.55 -10.59
C GLY A 253 0.74 -17.60 -11.69
N PRO A 254 1.43 -18.69 -11.34
CA PRO A 254 1.79 -19.00 -9.96
C PRO A 254 2.95 -18.10 -9.45
N TRP A 255 3.01 -17.91 -8.14
CA TRP A 255 3.98 -17.02 -7.48
C TRP A 255 5.14 -17.85 -6.89
N GLN A 256 6.38 -17.46 -7.15
CA GLN A 256 7.55 -18.13 -6.62
C GLN A 256 8.20 -17.25 -5.58
N GLY A 257 8.54 -17.82 -4.45
CA GLY A 257 9.26 -17.07 -3.40
C GLY A 257 10.45 -16.30 -3.87
N LEU A 258 10.61 -15.06 -3.40
CA LEU A 258 11.74 -14.26 -3.67
C LEU A 258 12.50 -14.15 -2.36
N ALA A 259 12.09 -13.23 -1.52
CA ALA A 259 12.55 -13.13 -0.18
C ALA A 259 11.36 -13.14 0.72
N ASN A 260 11.08 -14.29 1.31
CA ASN A 260 9.83 -14.43 2.04
C ASN A 260 9.95 -15.24 3.34
N THR A 261 11.13 -15.25 3.95
CA THR A 261 11.29 -15.85 5.28
C THR A 261 11.81 -14.81 6.23
N GLU A 262 11.72 -15.04 7.54
CA GLU A 262 12.32 -14.11 8.50
C GLU A 262 13.84 -13.94 8.35
N GLN A 263 14.52 -15.02 7.96
CA GLN A 263 16.01 -15.01 7.77
C GLN A 263 16.38 -14.39 6.44
N ASN A 264 15.45 -14.43 5.47
CA ASN A 264 15.67 -13.74 4.20
C ASN A 264 14.40 -12.99 3.79
N PRO A 265 14.16 -11.88 4.47
CA PRO A 265 12.94 -11.10 4.26
C PRO A 265 13.02 -10.09 3.13
N TRP A 266 11.87 -9.62 2.67
CA TRP A 266 11.89 -8.48 1.76
C TRP A 266 12.28 -7.26 2.55
N ALA A 267 11.59 -7.04 3.67
CA ALA A 267 11.93 -5.92 4.59
C ALA A 267 11.48 -6.28 5.99
N ARG A 268 12.40 -6.11 6.93
CA ARG A 268 12.20 -6.49 8.31
C ARG A 268 13.30 -5.83 9.18
N SER A 269 13.16 -5.89 10.49
CA SER A 269 14.15 -5.27 11.36
C SER A 269 15.56 -5.77 11.09
N ASN A 270 15.70 -7.00 10.63
CA ASN A 270 17.05 -7.55 10.44
C ASN A 270 17.67 -7.23 9.12
N ASN A 271 16.98 -6.51 8.21
CA ASN A 271 17.69 -6.03 7.00
C ASN A 271 17.51 -4.51 6.70
N VAL A 272 17.08 -3.77 7.71
CA VAL A 272 16.98 -2.34 7.64
C VAL A 272 17.93 -1.65 8.60
N GLN A 273 18.79 -0.83 8.06
CA GLN A 273 19.71 -0.03 8.83
C GLN A 273 19.19 1.38 9.00
N PHE A 274 19.25 1.91 10.22
CA PHE A 274 18.78 3.27 10.48
C PHE A 274 19.94 4.28 10.44
N ASP A 275 19.73 5.40 9.70
CA ASP A 275 20.56 6.62 9.64
CA ASP A 275 20.76 6.46 9.64
C ASP A 275 20.94 7.21 10.99
N GLY A 276 19.86 7.44 11.74
CA GLY A 276 19.96 7.82 13.14
C GLY A 276 19.28 6.82 14.05
N ASP A 277 18.47 7.33 14.97
CA ASP A 277 17.87 6.30 15.89
CA ASP A 277 17.93 6.26 15.98
C ASP A 277 17.12 5.17 15.25
N VAL A 278 17.05 4.02 15.91
CA VAL A 278 16.21 2.92 15.47
C VAL A 278 14.80 3.11 16.02
N TRP A 279 13.97 3.81 15.25
CA TRP A 279 12.68 4.34 15.78
C TRP A 279 11.52 3.35 15.68
N THR A 280 11.73 2.30 14.93
CA THR A 280 10.74 1.22 14.78
C THR A 280 11.41 -0.10 14.59
N LYS A 281 10.76 -1.18 15.01
CA LYS A 281 11.15 -2.58 14.67
CA LYS A 281 11.16 -2.54 14.65
C LYS A 281 10.23 -3.12 13.58
N SER A 282 8.94 -2.76 13.64
CA SER A 282 7.99 -3.09 12.59
C SER A 282 8.30 -2.33 11.28
N ILE A 283 8.24 -3.03 10.17
CA ILE A 283 8.25 -2.43 8.84
C ILE A 283 6.92 -2.83 8.23
N SER A 284 6.07 -1.84 8.11
CA SER A 284 4.64 -2.04 7.89
C SER A 284 4.09 -1.20 6.69
N HIS A 285 2.84 -1.51 6.36
CA HIS A 285 2.10 -1.11 5.22
C HIS A 285 2.73 0.05 4.48
N GLY A 286 3.23 -0.19 3.28
CA GLY A 286 3.92 0.82 2.53
C GLY A 286 3.70 0.70 1.00
N GLU A 287 4.46 1.46 0.24
CA GLU A 287 4.39 1.37 -1.22
C GLU A 287 5.76 1.80 -1.80
N ILE A 288 6.11 1.20 -2.91
CA ILE A 288 7.27 1.69 -3.66
C ILE A 288 6.99 2.98 -4.41
N ILE A 289 7.95 3.90 -4.41
CA ILE A 289 7.73 5.15 -5.07
C ILE A 289 7.74 4.85 -6.57
N ARG A 290 6.62 5.08 -7.20
CA ARG A 290 6.52 4.91 -8.66
C ARG A 290 6.78 6.26 -9.29
N ASP A 291 7.81 6.26 -10.13
CA ASP A 291 8.18 7.44 -10.95
C ASP A 291 7.98 7.04 -12.42
N GLY A 292 8.25 7.96 -13.32
CA GLY A 292 7.96 7.67 -14.70
C GLY A 292 6.49 7.52 -14.97
N THR A 293 6.10 6.47 -15.67
CA THR A 293 4.70 6.23 -15.93
CA THR A 293 4.68 6.34 -15.90
C THR A 293 4.08 5.97 -14.55
N VAL A 294 2.96 6.54 -14.28
CA VAL A 294 2.34 6.35 -12.98
C VAL A 294 0.94 5.84 -13.25
N ASP A 295 0.87 4.94 -14.23
CA ASP A 295 -0.42 4.47 -14.71
C ASP A 295 -0.82 3.13 -14.17
N GLU A 296 -1.82 2.50 -14.80
CA GLU A 296 -2.49 1.34 -14.27
C GLU A 296 -1.66 0.07 -14.43
N LYS A 297 -0.52 0.13 -15.16
CA LYS A 297 0.40 -0.99 -15.16
C LYS A 297 1.24 -1.16 -13.89
N LEU A 298 1.29 -0.16 -13.01
CA LEU A 298 2.00 -0.30 -11.72
C LEU A 298 3.47 -0.71 -11.91
N LEU A 299 4.10 -0.10 -12.88
CA LEU A 299 5.53 -0.36 -13.16
C LEU A 299 6.41 0.29 -12.14
N ILE A 300 7.41 -0.46 -11.69
CA ILE A 300 8.47 0.10 -10.84
C ILE A 300 9.87 -0.06 -11.51
N ASP A 301 10.80 0.74 -11.05
CA ASP A 301 12.20 0.64 -11.48
C ASP A 301 12.99 -0.14 -10.42
N PRO A 302 13.28 -1.42 -10.71
CA PRO A 302 13.96 -2.30 -9.80
C PRO A 302 15.38 -1.83 -9.46
N CYS A 303 15.92 -0.94 -10.27
CA CYS A 303 17.32 -0.40 -10.06
C CYS A 303 17.37 0.72 -8.98
N ASN A 304 16.18 1.31 -8.61
CA ASN A 304 16.14 2.48 -7.78
CA ASN A 304 16.14 2.45 -7.77
C ASN A 304 14.89 2.44 -6.84
N ILE A 305 14.72 1.35 -6.13
CA ILE A 305 13.57 1.17 -5.25
C ILE A 305 13.72 1.97 -3.98
N ARG A 306 12.67 2.77 -3.69
CA ARG A 306 12.53 3.40 -2.42
C ARG A 306 11.06 3.07 -2.01
N PHE A 307 10.85 2.80 -0.71
CA PHE A 307 9.59 2.27 -0.20
C PHE A 307 9.15 3.21 0.94
N MET A 308 8.03 3.90 0.76
CA MET A 308 7.50 4.69 1.87
C MET A 308 6.76 3.70 2.78
N TYR A 309 7.03 3.67 4.08
CA TYR A 309 6.43 2.73 4.98
C TYR A 309 6.03 3.33 6.28
N GLN A 310 5.25 2.56 7.05
CA GLN A 310 4.88 3.00 8.38
C GLN A 310 5.61 2.16 9.41
N GLY A 311 5.93 2.85 10.47
CA GLY A 311 6.59 2.31 11.62
C GLY A 311 6.00 2.93 12.90
N MET A 312 6.44 2.40 14.04
CA MET A 312 6.05 2.97 15.32
C MET A 312 7.07 2.58 16.41
N ASP A 313 7.10 3.37 17.45
CA ASP A 313 7.93 3.07 18.66
C ASP A 313 7.67 1.65 19.13
N PRO A 314 8.70 0.77 19.12
CA PRO A 314 8.38 -0.59 19.41
C PRO A 314 8.01 -0.88 20.87
N SER A 315 8.19 0.10 21.72
CA SER A 315 7.75 -0.03 23.12
CA SER A 315 7.77 -0.02 23.13
C SER A 315 6.29 0.34 23.33
N ALA A 316 5.66 1.02 22.34
CA ALA A 316 4.25 1.43 22.46
C ALA A 316 3.27 0.25 22.36
N GLY A 317 2.18 0.36 23.10
CA GLY A 317 1.09 -0.61 22.98
C GLY A 317 -0.23 0.02 23.15
N GLY A 318 -1.22 -0.82 23.42
CA GLY A 318 -2.59 -0.32 23.52
C GLY A 318 -3.44 -0.71 22.31
N GLU A 319 -4.55 -0.02 22.17
CA GLU A 319 -5.56 -0.31 21.14
C GLU A 319 -4.84 -0.09 19.77
N TYR A 320 -4.99 -1.06 18.88
CA TYR A 320 -4.44 -0.95 17.52
C TYR A 320 -4.75 0.37 16.84
N ASN A 321 -6.00 0.82 16.88
CA ASN A 321 -6.37 2.03 16.15
C ASN A 321 -5.76 3.32 16.64
N ALA A 322 -5.22 3.32 17.87
CA ALA A 322 -4.59 4.54 18.44
C ALA A 322 -3.07 4.43 18.51
N LEU A 323 -2.49 3.39 17.87
CA LEU A 323 -1.05 3.25 17.78
C LEU A 323 -0.39 4.41 17.03
N PRO A 324 0.82 4.79 17.46
CA PRO A 324 1.51 6.01 16.96
C PRO A 324 2.28 5.79 15.70
N TRP A 325 1.55 5.37 14.65
CA TRP A 325 2.16 5.07 13.35
C TRP A 325 2.68 6.39 12.70
N ARG A 326 3.88 6.30 12.15
CA ARG A 326 4.54 7.38 11.45
C ARG A 326 5.10 6.84 10.17
N LEU A 327 5.30 7.75 9.21
CA LEU A 327 5.86 7.35 7.91
C LEU A 327 7.29 7.80 7.73
N GLY A 328 8.10 6.87 7.22
CA GLY A 328 9.46 7.12 6.74
C GLY A 328 9.67 6.46 5.39
N PHE A 329 10.94 6.36 4.99
CA PHE A 329 11.22 5.66 3.76
C PHE A 329 12.39 4.70 4.00
N ILE A 330 12.38 3.61 3.30
CA ILE A 330 13.58 2.78 3.20
C ILE A 330 14.04 2.78 1.76
N ALA A 331 15.35 2.92 1.58
CA ALA A 331 16.00 2.95 0.30
C ALA A 331 16.80 1.68 0.05
N HIS A 332 16.62 1.04 -1.08
CA HIS A 332 17.20 -0.27 -1.35
C HIS A 332 18.69 -0.16 -1.60
N ASN A 333 19.45 -0.81 -0.75
CA ASN A 333 20.93 -0.68 -0.74
C ASN A 333 21.69 -1.51 -1.69
N ASN A 334 21.12 -2.61 -2.10
CA ASN A 334 21.83 -3.63 -2.91
C ASN A 334 21.10 -3.92 -4.24
N PRO A 335 20.87 -2.87 -5.03
CA PRO A 335 20.19 -3.10 -6.31
C PRO A 335 21.03 -4.02 -7.22
N ALA A 336 20.36 -4.83 -8.03
CA ALA A 336 21.00 -5.80 -8.92
C ALA A 336 21.01 -5.34 -10.40
N CYS A 337 21.11 -4.03 -10.64
CA CYS A 337 21.09 -3.34 -11.98
C CYS A 337 21.31 -1.84 -11.90
#